data_4I8T
#
_entry.id   4I8T
#
_cell.length_a   75.510
_cell.length_b   60.860
_cell.length_c   80.350
_cell.angle_alpha   90.00
_cell.angle_beta   113.47
_cell.angle_gamma   90.00
#
_symmetry.space_group_name_H-M   'C 1 2 1'
#
loop_
_entity.id
_entity.type
_entity.pdbx_description
1 polymer 'Regulatory protein'
2 polymer "DNA (5'-D(P*TP*GP*TP*TP*GP*AP*CP*TP*AP*TP*AP*AP*TP*CP*AP*CP*AP*CP*A)-3')"
3 polymer "DNA (5'-D(P*TP*GP*TP*GP*TP*GP*AP*TP*TP*AP*TP*AP*GP*TP*CP*AP*AP*CP*A)-3')"
#
loop_
_entity_poly.entity_id
_entity_poly.type
_entity_poly.pdbx_seq_one_letter_code
_entity_poly.pdbx_strand_id
1 'polypeptide(L)'
;GSHMESFLLSKVSFVIKKIRLEKGMTQEDLAYKSNLDRTYISGIERNSRNLTIKSLELIMKGLEVSDVVFFEMLIKEILK
HD
;
A,B
2 'polydeoxyribonucleotide' (DT)(DG)(DT)(DT)(DG)(DA)(DC)(DT)(DA)(DT)(DA)(DA)(DT)(DC)(DA)(DC)(DA)(DC)(DA) C
3 'polydeoxyribonucleotide' (DT)(DG)(DT)(DG)(DT)(DG)(DA)(DT)(DT)(DA)(DT)(DA)(DG)(DT)(DC)(DA)(DA)(DC)(DA) D
#
# COMPACT_ATOMS: atom_id res chain seq x y z
N SER A 6 -7.08 -13.03 0.19
CA SER A 6 -6.94 -12.39 1.49
C SER A 6 -5.50 -12.49 1.96
N PHE A 7 -4.59 -11.86 1.22
CA PHE A 7 -3.16 -12.08 1.41
C PHE A 7 -2.35 -10.81 1.73
N LEU A 8 -2.28 -9.89 0.78
CA LEU A 8 -1.42 -8.72 0.93
C LEU A 8 -1.84 -7.83 2.09
N LEU A 9 -3.15 -7.75 2.33
CA LEU A 9 -3.68 -6.96 3.43
C LEU A 9 -3.33 -7.60 4.77
N SER A 10 -3.12 -8.92 4.75
CA SER A 10 -2.73 -9.65 5.95
C SER A 10 -1.23 -9.56 6.17
N LYS A 11 -0.49 -9.31 5.09
CA LYS A 11 0.97 -9.24 5.18
C LYS A 11 1.44 -7.84 5.57
N VAL A 12 0.69 -6.83 5.16
CA VAL A 12 0.96 -5.46 5.57
C VAL A 12 0.60 -5.29 7.03
N SER A 13 -0.53 -5.85 7.42
CA SER A 13 -1.02 -5.76 8.79
C SER A 13 -0.05 -6.37 9.80
N PHE A 14 0.66 -7.41 9.37
CA PHE A 14 1.64 -8.07 10.22
C PHE A 14 2.77 -7.12 10.56
N VAL A 15 3.17 -6.31 9.59
CA VAL A 15 4.26 -5.36 9.78
C VAL A 15 3.80 -4.19 10.65
N ILE A 16 2.53 -3.82 10.53
CA ILE A 16 1.97 -2.71 11.29
C ILE A 16 2.12 -2.91 12.79
N LYS A 17 1.69 -4.06 13.29
CA LYS A 17 1.76 -4.35 14.72
C LYS A 17 3.19 -4.67 15.13
N LYS A 18 4.01 -5.13 14.18
CA LYS A 18 5.38 -5.50 14.48
C LYS A 18 6.21 -4.28 14.85
N ILE A 19 6.22 -3.28 13.99
CA ILE A 19 6.92 -2.03 14.27
C ILE A 19 6.28 -1.33 15.47
N ARG A 20 4.98 -1.52 15.64
CA ARG A 20 4.26 -0.99 16.80
C ARG A 20 4.77 -1.67 18.07
N LEU A 21 5.14 -2.94 17.94
CA LEU A 21 5.66 -3.71 19.07
C LEU A 21 7.19 -3.61 19.15
N GLU A 22 7.80 -3.10 18.09
CA GLU A 22 9.23 -2.84 18.10
C GLU A 22 9.52 -1.46 18.69
N LYS A 23 8.67 -0.49 18.35
CA LYS A 23 8.78 0.85 18.91
C LYS A 23 8.21 0.88 20.33
N GLY A 24 7.50 -0.17 20.71
CA GLY A 24 6.94 -0.29 22.03
C GLY A 24 5.83 0.70 22.30
N MET A 25 4.65 0.44 21.77
CA MET A 25 3.49 1.30 21.98
C MET A 25 2.19 0.52 21.80
N THR A 26 1.16 0.94 22.52
CA THR A 26 -0.16 0.31 22.41
C THR A 26 -0.88 0.80 21.15
N GLN A 27 -1.99 0.14 20.83
CA GLN A 27 -2.80 0.54 19.70
C GLN A 27 -3.41 1.92 19.94
N GLU A 28 -3.62 2.24 21.21
CA GLU A 28 -4.14 3.55 21.60
C GLU A 28 -3.10 4.63 21.32
N ASP A 29 -1.83 4.26 21.46
CA ASP A 29 -0.74 5.19 21.17
C ASP A 29 -0.64 5.46 19.67
N LEU A 30 -0.77 4.40 18.88
CA LEU A 30 -0.71 4.53 17.43
C LEU A 30 -1.97 5.21 16.91
N ALA A 31 -3.08 5.00 17.61
CA ALA A 31 -4.34 5.65 17.27
C ALA A 31 -4.20 7.18 17.39
N TYR A 32 -3.51 7.61 18.44
CA TYR A 32 -3.29 9.04 18.68
C TYR A 32 -2.25 9.63 17.74
N LYS A 33 -1.08 9.00 17.70
CA LYS A 33 0.05 9.49 16.92
C LYS A 33 -0.25 9.56 15.42
N SER A 34 -1.20 8.76 14.96
CA SER A 34 -1.54 8.73 13.54
C SER A 34 -2.89 9.37 13.27
N ASN A 35 -3.51 9.91 14.32
CA ASN A 35 -4.83 10.52 14.22
C ASN A 35 -5.86 9.58 13.58
N LEU A 36 -6.05 8.43 14.21
CA LEU A 36 -6.99 7.43 13.72
C LEU A 36 -7.72 6.77 14.88
N ASP A 37 -9.00 6.44 14.68
CA ASP A 37 -9.79 5.76 15.70
C ASP A 37 -9.13 4.45 16.08
N ARG A 38 -9.15 4.12 17.37
CA ARG A 38 -8.54 2.88 17.85
C ARG A 38 -9.22 1.67 17.21
N THR A 39 -10.54 1.74 17.07
CA THR A 39 -11.31 0.66 16.46
C THR A 39 -10.85 0.37 15.03
N TYR A 40 -10.31 1.39 14.37
CA TYR A 40 -9.78 1.22 13.02
C TYR A 40 -8.40 0.56 13.06
N ILE A 41 -7.53 1.08 13.92
CA ILE A 41 -6.21 0.49 14.13
C ILE A 41 -6.36 -0.95 14.58
N SER A 42 -7.33 -1.17 15.46
CA SER A 42 -7.68 -2.51 15.90
CA SER A 42 -7.69 -2.51 15.90
C SER A 42 -8.16 -3.34 14.71
N GLY A 43 -9.03 -2.75 13.89
CA GLY A 43 -9.59 -3.41 12.74
C GLY A 43 -8.59 -4.00 11.77
N ILE A 44 -7.63 -3.19 11.32
CA ILE A 44 -6.66 -3.65 10.33
C ILE A 44 -5.76 -4.75 10.87
N GLU A 45 -5.62 -4.82 12.19
CA GLU A 45 -4.77 -5.83 12.82
C GLU A 45 -5.52 -7.15 13.02
N ARG A 46 -6.82 -7.05 13.35
CA ARG A 46 -7.68 -8.24 13.41
C ARG A 46 -7.65 -8.93 12.07
N ASN A 47 -7.44 -8.12 11.03
CA ASN A 47 -7.39 -8.56 9.64
C ASN A 47 -8.78 -8.86 9.06
N SER A 48 -9.45 -7.84 8.52
CA SER A 48 -8.92 -6.49 8.44
C SER A 48 -10.02 -5.44 8.23
N ARG A 49 -9.58 -4.26 7.81
CA ARG A 49 -10.42 -3.28 7.15
C ARG A 49 -9.63 -2.93 5.91
N ASN A 50 -10.33 -2.65 4.80
CA ASN A 50 -9.70 -2.52 3.47
C ASN A 50 -8.41 -1.69 3.45
N LEU A 51 -8.34 -0.67 4.31
CA LEU A 51 -7.12 0.12 4.53
C LEU A 51 -6.66 0.86 3.29
N THR A 52 -6.93 2.16 3.25
CA THR A 52 -6.49 3.01 2.15
C THR A 52 -5.02 3.37 2.31
N ILE A 53 -4.39 3.78 1.21
CA ILE A 53 -2.98 4.18 1.23
C ILE A 53 -2.77 5.41 2.11
N LYS A 54 -3.74 6.34 2.07
CA LYS A 54 -3.67 7.55 2.86
C LYS A 54 -3.56 7.24 4.35
N SER A 55 -4.36 6.28 4.81
CA SER A 55 -4.31 5.86 6.20
C SER A 55 -3.00 5.16 6.53
N LEU A 56 -2.48 4.39 5.57
CA LEU A 56 -1.22 3.69 5.74
C LEU A 56 -0.06 4.67 5.93
N GLU A 57 -0.14 5.80 5.22
CA GLU A 57 0.88 6.83 5.33
C GLU A 57 0.85 7.46 6.73
N LEU A 58 -0.35 7.59 7.28
CA LEU A 58 -0.53 8.13 8.63
C LEU A 58 0.07 7.19 9.67
N ILE A 59 -0.06 5.89 9.44
CA ILE A 59 0.48 4.88 10.35
C ILE A 59 1.99 5.03 10.48
N MET A 60 2.67 5.11 9.35
CA MET A 60 4.12 5.22 9.34
CA MET A 60 4.12 5.25 9.31
C MET A 60 4.59 6.48 10.05
N LYS A 61 3.80 7.56 9.93
CA LYS A 61 4.12 8.82 10.58
C LYS A 61 4.09 8.67 12.10
N GLY A 62 3.08 7.96 12.60
CA GLY A 62 2.95 7.72 14.03
C GLY A 62 3.81 6.57 14.49
N LEU A 63 4.43 5.87 13.53
CA LEU A 63 5.28 4.73 13.82
C LEU A 63 6.73 5.15 13.89
N GLU A 64 6.98 6.43 13.61
CA GLU A 64 8.32 7.01 13.60
C GLU A 64 9.28 6.28 12.67
N VAL A 65 8.74 5.75 11.57
CA VAL A 65 9.56 5.09 10.56
C VAL A 65 9.27 5.63 9.16
N SER A 66 10.28 5.64 8.30
CA SER A 66 10.11 6.04 6.93
C SER A 66 9.37 4.94 6.16
N ASP A 67 8.96 5.24 4.94
CA ASP A 67 8.25 4.26 4.12
C ASP A 67 9.20 3.22 3.51
N VAL A 68 10.42 3.65 3.23
CA VAL A 68 11.43 2.75 2.66
C VAL A 68 11.80 1.62 3.61
N VAL A 69 11.90 1.93 4.90
CA VAL A 69 12.23 0.91 5.89
C VAL A 69 11.00 0.06 6.21
N PHE A 70 9.83 0.58 5.86
CA PHE A 70 8.59 -0.15 6.04
C PHE A 70 8.43 -1.20 4.94
N PHE A 71 8.62 -0.77 3.70
CA PHE A 71 8.50 -1.66 2.55
C PHE A 71 9.60 -2.72 2.53
N GLU A 72 10.82 -2.30 2.90
CA GLU A 72 11.93 -3.24 3.01
C GLU A 72 11.61 -4.33 4.02
N MET A 73 11.03 -3.92 5.15
CA MET A 73 10.64 -4.86 6.20
CA MET A 73 10.64 -4.86 6.20
C MET A 73 9.44 -5.69 5.72
N LEU A 74 8.59 -5.07 4.92
CA LEU A 74 7.43 -5.76 4.36
C LEU A 74 7.87 -6.84 3.40
N ILE A 75 8.82 -6.50 2.53
CA ILE A 75 9.37 -7.45 1.55
C ILE A 75 10.05 -8.64 2.23
N LYS A 76 10.82 -8.37 3.27
CA LYS A 76 11.49 -9.43 4.02
C LYS A 76 10.45 -10.38 4.64
N GLU A 77 9.26 -9.85 4.86
CA GLU A 77 8.16 -10.60 5.45
C GLU A 77 7.35 -11.28 4.35
N ILE A 78 7.72 -11.04 3.09
CA ILE A 78 7.05 -11.63 1.95
C ILE A 78 7.81 -12.85 1.42
N LEU A 79 9.14 -12.85 1.54
CA LEU A 79 9.97 -13.93 0.99
C LEU A 79 10.09 -15.16 1.90
N LYS A 80 9.37 -16.23 1.55
CA LYS A 80 9.48 -17.52 2.21
C LYS A 80 9.60 -18.64 1.18
N GLU B 5 0.57 16.81 1.64
CA GLU B 5 -0.80 16.47 1.26
C GLU B 5 -0.83 15.87 -0.14
N SER B 6 0.06 14.91 -0.40
CA SER B 6 0.15 14.26 -1.71
C SER B 6 1.00 12.99 -1.72
N PHE B 7 2.12 13.01 -0.99
CA PHE B 7 3.15 11.99 -1.10
C PHE B 7 2.68 10.55 -0.86
N LEU B 8 3.54 9.61 -1.23
CA LEU B 8 3.25 8.17 -1.18
C LEU B 8 2.17 7.74 -2.17
N LEU B 9 0.97 8.26 -2.01
CA LEU B 9 -0.12 7.97 -2.93
C LEU B 9 0.29 8.41 -4.34
N SER B 10 0.90 9.58 -4.43
CA SER B 10 1.39 10.09 -5.70
C SER B 10 2.51 9.19 -6.24
N LYS B 11 3.32 8.67 -5.34
CA LYS B 11 4.43 7.80 -5.72
C LYS B 11 3.95 6.41 -6.10
N VAL B 12 2.88 5.96 -5.45
CA VAL B 12 2.27 4.67 -5.78
C VAL B 12 1.51 4.78 -7.10
N SER B 13 0.82 5.91 -7.28
CA SER B 13 0.04 6.16 -8.48
C SER B 13 0.90 6.52 -9.68
N PHE B 14 2.22 6.49 -9.51
CA PHE B 14 3.14 6.82 -10.58
C PHE B 14 3.83 5.57 -11.13
N VAL B 15 4.27 4.70 -10.21
CA VAL B 15 4.91 3.44 -10.59
C VAL B 15 3.95 2.57 -11.39
N ILE B 16 2.68 2.57 -11.00
CA ILE B 16 1.64 1.85 -11.73
C ILE B 16 1.60 2.31 -13.18
N LYS B 17 1.63 3.62 -13.38
CA LYS B 17 1.62 4.19 -14.72
C LYS B 17 2.92 3.90 -15.44
N LYS B 18 4.02 3.89 -14.69
CA LYS B 18 5.33 3.61 -15.26
C LYS B 18 5.40 2.19 -15.82
N ILE B 19 5.05 1.21 -14.98
CA ILE B 19 5.08 -0.19 -15.37
C ILE B 19 4.13 -0.48 -16.53
N ARG B 20 2.89 0.01 -16.41
CA ARG B 20 1.84 -0.22 -17.40
C ARG B 20 2.29 0.19 -18.81
N LEU B 21 2.97 1.32 -18.89
CA LEU B 21 3.48 1.81 -20.16
C LEU B 21 4.71 1.03 -20.60
N GLU B 22 5.58 0.70 -19.65
CA GLU B 22 6.76 -0.14 -19.93
C GLU B 22 6.35 -1.55 -20.36
N LYS B 23 5.16 -1.97 -19.94
CA LYS B 23 4.59 -3.24 -20.38
C LYS B 23 3.82 -3.03 -21.67
N GLY B 24 3.74 -1.78 -22.13
CA GLY B 24 3.06 -1.44 -23.36
C GLY B 24 1.56 -1.65 -23.28
N MET B 25 1.01 -1.60 -22.07
CA MET B 25 -0.41 -1.83 -21.86
C MET B 25 -1.22 -0.55 -22.01
N THR B 26 -2.51 -0.66 -21.70
CA THR B 26 -3.43 0.47 -21.79
C THR B 26 -4.32 0.48 -20.55
N GLN B 27 -4.96 1.61 -20.28
CA GLN B 27 -5.83 1.72 -19.12
C GLN B 27 -7.04 0.81 -19.26
N GLU B 28 -7.47 0.57 -20.50
CA GLU B 28 -8.56 -0.35 -20.76
C GLU B 28 -8.08 -1.78 -20.58
N ASP B 29 -6.81 -2.01 -20.90
CA ASP B 29 -6.20 -3.32 -20.71
C ASP B 29 -6.01 -3.63 -19.24
N LEU B 30 -5.54 -2.63 -18.49
CA LEU B 30 -5.30 -2.79 -17.05
C LEU B 30 -6.59 -3.00 -16.28
N ALA B 31 -7.62 -2.21 -16.62
CA ALA B 31 -8.91 -2.31 -15.95
C ALA B 31 -9.54 -3.68 -16.18
N TYR B 32 -9.32 -4.24 -17.36
CA TYR B 32 -9.87 -5.54 -17.71
C TYR B 32 -9.12 -6.68 -17.00
N LYS B 33 -7.79 -6.63 -17.06
CA LYS B 33 -6.97 -7.70 -16.51
C LYS B 33 -6.95 -7.72 -14.98
N SER B 34 -7.35 -6.59 -14.38
CA SER B 34 -7.38 -6.49 -12.92
CA SER B 34 -7.38 -6.49 -12.92
C SER B 34 -8.82 -6.50 -12.40
N ASN B 35 -9.76 -6.81 -13.29
CA ASN B 35 -11.19 -6.85 -12.96
C ASN B 35 -11.73 -5.54 -12.38
N LEU B 36 -11.08 -4.44 -12.71
CA LEU B 36 -11.50 -3.13 -12.22
C LEU B 36 -12.20 -2.31 -13.29
N ASP B 37 -12.23 -0.99 -13.09
CA ASP B 37 -12.93 -0.09 -14.00
C ASP B 37 -11.98 0.94 -14.60
N ARG B 38 -12.15 1.21 -15.89
CA ARG B 38 -11.30 2.16 -16.60
C ARG B 38 -11.40 3.57 -16.00
N THR B 39 -12.58 3.92 -15.52
CA THR B 39 -12.78 5.21 -14.88
C THR B 39 -12.01 5.28 -13.57
N TYR B 40 -11.90 4.14 -12.89
CA TYR B 40 -11.16 4.06 -11.64
C TYR B 40 -9.66 4.10 -11.88
N ILE B 41 -9.20 3.31 -12.86
CA ILE B 41 -7.79 3.27 -13.22
C ILE B 41 -7.28 4.64 -13.63
N SER B 42 -8.08 5.34 -14.44
CA SER B 42 -7.74 6.67 -14.90
C SER B 42 -7.52 7.63 -13.74
N GLY B 43 -8.51 7.71 -12.86
CA GLY B 43 -8.46 8.60 -11.71
C GLY B 43 -7.25 8.39 -10.81
N ILE B 44 -6.82 7.14 -10.69
CA ILE B 44 -5.66 6.81 -9.86
C ILE B 44 -4.39 7.45 -10.42
N GLU B 45 -4.10 7.19 -11.70
CA GLU B 45 -2.89 7.68 -12.35
C GLU B 45 -2.79 9.21 -12.32
N ARG B 46 -3.93 9.86 -12.17
CA ARG B 46 -3.96 11.33 -12.06
C ARG B 46 -4.29 11.76 -10.64
N ASN B 47 -4.15 10.84 -9.69
CA ASN B 47 -4.35 11.11 -8.27
C ASN B 47 -5.72 11.68 -7.91
N SER B 48 -6.77 10.96 -8.28
CA SER B 48 -8.13 11.40 -7.99
C SER B 48 -8.94 10.33 -7.28
N ARG B 49 -8.28 9.23 -6.93
CA ARG B 49 -8.92 8.15 -6.18
C ARG B 49 -8.07 7.76 -4.97
N ASN B 50 -8.73 7.29 -3.92
CA ASN B 50 -8.07 7.03 -2.65
C ASN B 50 -7.20 5.77 -2.64
N LEU B 51 -7.65 4.74 -3.35
CA LEU B 51 -6.89 3.49 -3.53
C LEU B 51 -6.69 2.67 -2.26
N THR B 52 -7.14 1.42 -2.30
CA THR B 52 -6.98 0.52 -1.16
C THR B 52 -5.88 -0.51 -1.42
N ILE B 53 -5.55 -1.28 -0.39
CA ILE B 53 -4.52 -2.31 -0.51
C ILE B 53 -4.98 -3.45 -1.42
N LYS B 54 -6.18 -3.96 -1.16
CA LYS B 54 -6.75 -5.03 -1.96
C LYS B 54 -6.93 -4.58 -3.41
N SER B 55 -7.27 -3.32 -3.60
CA SER B 55 -7.45 -2.76 -4.93
C SER B 55 -6.11 -2.49 -5.61
N LEU B 56 -5.03 -2.63 -4.85
CA LEU B 56 -3.69 -2.49 -5.38
C LEU B 56 -3.13 -3.87 -5.71
N GLU B 57 -3.55 -4.86 -4.93
CA GLU B 57 -3.12 -6.24 -5.14
C GLU B 57 -3.67 -6.76 -6.46
N LEU B 58 -4.83 -6.24 -6.85
CA LEU B 58 -5.44 -6.58 -8.13
C LEU B 58 -4.64 -5.98 -9.28
N ILE B 59 -4.08 -4.80 -9.05
CA ILE B 59 -3.32 -4.09 -10.07
C ILE B 59 -2.04 -4.82 -10.46
N MET B 60 -1.28 -5.26 -9.45
CA MET B 60 -0.04 -5.98 -9.68
CA MET B 60 -0.03 -5.97 -9.71
C MET B 60 -0.28 -7.27 -10.48
N LYS B 61 -1.44 -7.87 -10.26
CA LYS B 61 -1.82 -9.08 -10.98
C LYS B 61 -2.23 -8.74 -12.40
N GLY B 62 -2.91 -7.60 -12.55
CA GLY B 62 -3.31 -7.11 -13.86
C GLY B 62 -2.11 -6.66 -14.66
N LEU B 63 -1.13 -6.08 -13.98
CA LEU B 63 0.11 -5.64 -14.61
C LEU B 63 1.06 -6.82 -14.80
N GLU B 64 0.69 -7.96 -14.22
CA GLU B 64 1.53 -9.16 -14.24
C GLU B 64 2.92 -8.88 -13.67
N VAL B 65 2.96 -8.59 -12.38
CA VAL B 65 4.21 -8.32 -11.67
C VAL B 65 4.05 -8.67 -10.19
N SER B 66 5.05 -9.33 -9.62
CA SER B 66 4.98 -9.77 -8.24
C SER B 66 4.92 -8.60 -7.26
N ASP B 67 4.50 -8.89 -6.03
CA ASP B 67 4.40 -7.88 -4.98
C ASP B 67 5.78 -7.37 -4.60
N VAL B 68 6.76 -8.27 -4.63
CA VAL B 68 8.13 -7.94 -4.26
C VAL B 68 8.74 -6.90 -5.19
N VAL B 69 8.61 -7.13 -6.50
CA VAL B 69 9.17 -6.23 -7.50
C VAL B 69 8.55 -4.83 -7.44
N PHE B 70 7.23 -4.78 -7.30
CA PHE B 70 6.51 -3.52 -7.23
C PHE B 70 7.03 -2.63 -6.09
N PHE B 71 7.19 -3.22 -4.92
CA PHE B 71 7.68 -2.49 -3.77
C PHE B 71 9.15 -2.11 -3.92
N GLU B 72 9.95 -3.03 -4.46
CA GLU B 72 11.36 -2.75 -4.73
C GLU B 72 11.50 -1.58 -5.71
N MET B 73 10.60 -1.53 -6.68
CA MET B 73 10.58 -0.43 -7.65
CA MET B 73 10.59 -0.43 -7.64
C MET B 73 10.01 0.82 -7.00
N LEU B 74 9.07 0.63 -6.08
CA LEU B 74 8.46 1.73 -5.37
C LEU B 74 9.51 2.43 -4.51
N ILE B 75 10.29 1.63 -3.79
CA ILE B 75 11.36 2.15 -2.93
C ILE B 75 12.32 3.06 -3.71
N LYS B 76 12.75 2.61 -4.88
CA LYS B 76 13.65 3.39 -5.72
C LYS B 76 13.00 4.69 -6.17
N GLU B 77 11.74 4.60 -6.60
CA GLU B 77 11.03 5.73 -7.19
C GLU B 77 10.92 6.94 -6.25
N ILE B 78 10.81 6.71 -4.95
CA ILE B 78 10.67 7.83 -4.02
C ILE B 78 12.00 8.57 -3.87
N LEU B 79 13.10 7.86 -4.04
CA LEU B 79 14.42 8.46 -3.95
C LEU B 79 14.65 9.38 -5.15
#